data_2JIG
#
_entry.id   2JIG
#
_cell.length_a   57.920
_cell.length_b   60.250
_cell.length_c   116.850
_cell.angle_alpha   90.00
_cell.angle_beta   90.00
_cell.angle_gamma   90.00
#
_symmetry.space_group_name_H-M   'P 21 21 21'
#
loop_
_entity.id
_entity.type
_entity.pdbx_description
1 polymer 'PROLYL-4 HYDROXYLASE'
2 non-polymer 'ZINC ION'
3 non-polymer 'PYRIDINE-2,4-DICARBOXYLIC ACID'
4 non-polymer GLYCEROL
5 non-polymer 'SULFATE ION'
6 water water
#
_entity_poly.entity_id   1
_entity_poly.type   'polypeptide(L)'
_entity_poly.pdbx_seq_one_letter_code
;GFGELKEEWRGEVVHLSWSPRAFLLKNFLSDEECDYIVEKARPKMVKSSVVDNESGKSVDSEIRTSTGTWFAKGEDSVIS
KIEKRVAQVTMIPLENHEGLQVLHYHDGQKYEPHYDYFHDPVNAGPEHGGQRVVTMLMYLTTVEEGGETVLPNAEQKVTG
DGWSECAKRGLAVKPIKGDALMFYSLKPDGSNDPASLHGSCPTLKGDKWSATKWIHVAPIGGRH
;
_entity_poly.pdbx_strand_id   A,B
#
# COMPACT_ATOMS: atom_id res chain seq x y z
N GLU A 7 9.57 7.01 9.56
CA GLU A 7 8.94 5.66 9.77
C GLU A 7 7.41 5.66 9.55
N GLU A 8 6.65 5.01 10.43
CA GLU A 8 5.19 4.90 10.26
C GLU A 8 4.51 6.27 10.20
N TRP A 9 3.54 6.39 9.29
CA TRP A 9 2.82 7.66 9.03
C TRP A 9 1.34 7.51 9.38
N ARG A 10 0.82 8.56 10.02
CA ARG A 10 -0.57 8.62 10.43
C ARG A 10 -1.14 9.87 9.77
N GLY A 11 -2.12 9.70 8.91
CA GLY A 11 -2.76 10.83 8.24
C GLY A 11 -4.00 10.45 7.46
N GLU A 12 -4.61 11.43 6.81
CA GLU A 12 -5.81 11.20 6.03
C GLU A 12 -5.49 10.59 4.66
N VAL A 13 -6.14 9.46 4.36
CA VAL A 13 -6.06 8.89 3.02
C VAL A 13 -7.42 9.08 2.35
N VAL A 14 -7.41 9.69 1.17
CA VAL A 14 -8.62 9.80 0.37
C VAL A 14 -8.55 8.75 -0.74
N HIS A 15 -9.52 7.83 -0.74
CA HIS A 15 -9.62 6.85 -1.80
C HIS A 15 -10.14 7.61 -3.03
N LEU A 16 -9.40 7.51 -4.12
CA LEU A 16 -9.78 8.20 -5.35
C LEU A 16 -10.48 7.29 -6.36
N SER A 17 -9.99 6.05 -6.47
CA SER A 17 -10.46 5.16 -7.51
C SER A 17 -10.08 3.71 -7.19
N TRP A 18 -10.84 2.74 -7.70
CA TRP A 18 -10.42 1.34 -7.72
C TRP A 18 -9.87 0.93 -9.07
N SER A 19 -10.28 1.66 -10.12
CA SER A 19 -9.79 1.40 -11.47
C SER A 19 -9.31 2.73 -12.07
N PRO A 20 -7.99 3.02 -11.97
CA PRO A 20 -6.94 2.19 -11.35
C PRO A 20 -6.99 2.40 -9.83
N ARG A 21 -6.27 1.59 -9.07
CA ARG A 21 -6.22 1.83 -7.64
C ARG A 21 -5.42 3.08 -7.38
N ALA A 22 -6.06 4.06 -6.77
CA ALA A 22 -5.43 5.34 -6.51
C ALA A 22 -5.90 5.90 -5.17
N PHE A 23 -4.94 6.37 -4.37
CA PHE A 23 -5.19 6.85 -3.02
C PHE A 23 -4.39 8.14 -2.80
N LEU A 24 -5.04 9.14 -2.23
CA LEU A 24 -4.39 10.41 -1.95
C LEU A 24 -4.05 10.52 -0.47
N LEU A 25 -2.76 10.64 -0.19
CA LEU A 25 -2.26 10.74 1.16
C LEU A 25 -2.07 12.21 1.51
N LYS A 26 -2.95 12.71 2.39
CA LYS A 26 -2.97 14.13 2.73
C LYS A 26 -1.81 14.45 3.64
N ASN A 27 -1.07 15.52 3.35
CA ASN A 27 0.04 15.93 4.22
C ASN A 27 1.03 14.79 4.51
N PHE A 28 1.47 14.11 3.44
CA PHE A 28 2.42 13.01 3.58
C PHE A 28 3.84 13.54 3.90
N LEU A 29 4.22 14.68 3.31
CA LEU A 29 5.47 15.35 3.61
C LEU A 29 5.15 16.68 4.30
N SER A 30 6.06 17.12 5.17
CA SER A 30 5.92 18.42 5.80
C SER A 30 6.33 19.47 4.78
N ASP A 31 5.99 20.71 5.05
CA ASP A 31 6.40 21.81 4.18
C ASP A 31 7.94 21.90 4.15
N GLU A 32 8.55 21.67 5.31
CA GLU A 32 10.00 21.73 5.43
C GLU A 32 10.69 20.70 4.55
N GLU A 33 10.16 19.48 4.52
CA GLU A 33 10.69 18.42 3.66
C GLU A 33 10.52 18.77 2.18
N CYS A 34 9.36 19.33 1.84
CA CYS A 34 9.09 19.72 0.45
C CYS A 34 10.11 20.77 0.00
N ASP A 35 10.36 21.75 0.84
CA ASP A 35 11.28 22.83 0.53
C ASP A 35 12.70 22.34 0.43
N TYR A 36 13.07 21.42 1.33
CA TYR A 36 14.39 20.80 1.35
C TYR A 36 14.69 20.12 0.01
N ILE A 37 13.75 19.30 -0.46
CA ILE A 37 13.92 18.58 -1.73
C ILE A 37 14.02 19.58 -2.89
N VAL A 38 13.13 20.57 -2.93
CA VAL A 38 13.16 21.56 -4.02
C VAL A 38 14.52 22.29 -4.06
N GLU A 39 14.95 22.79 -2.92
CA GLU A 39 16.21 23.54 -2.82
C GLU A 39 17.45 22.69 -3.11
N LYS A 40 17.41 21.39 -2.74
CA LYS A 40 18.49 20.46 -3.07
C LYS A 40 18.51 20.14 -4.57
N ALA A 41 17.32 20.03 -5.15
CA ALA A 41 17.17 19.66 -6.55
C ALA A 41 17.46 20.80 -7.53
N ARG A 42 17.08 22.01 -7.13
CA ARG A 42 17.08 23.18 -8.02
C ARG A 42 18.35 23.42 -8.85
N PRO A 43 19.55 23.43 -8.22
CA PRO A 43 20.76 23.65 -9.03
C PRO A 43 21.11 22.49 -9.95
N LYS A 44 20.47 21.33 -9.76
CA LYS A 44 20.76 20.10 -10.49
C LYS A 44 19.82 19.82 -11.66
N MET A 45 18.74 20.59 -11.78
CA MET A 45 17.69 20.33 -12.77
C MET A 45 18.15 20.55 -14.22
N VAL A 46 17.87 19.58 -15.08
CA VAL A 46 18.12 19.73 -16.50
C VAL A 46 16.88 19.42 -17.35
N LYS A 47 16.74 20.12 -18.48
CA LYS A 47 15.60 19.92 -19.38
C LYS A 47 15.50 18.44 -19.73
N SER A 48 14.29 17.90 -19.79
CA SER A 48 14.06 16.50 -20.11
C SER A 48 14.50 16.21 -21.52
N SER A 49 15.34 15.20 -21.66
CA SER A 49 15.90 14.89 -22.96
C SER A 49 16.08 13.39 -23.17
N VAL A 50 16.11 13.02 -24.45
CA VAL A 50 16.30 11.65 -24.87
C VAL A 50 17.30 11.68 -26.01
N VAL A 51 17.93 10.54 -26.29
CA VAL A 51 18.77 10.44 -27.47
C VAL A 51 17.92 9.93 -28.63
N ASP A 52 17.88 10.73 -29.71
CA ASP A 52 17.14 10.39 -30.90
C ASP A 52 17.89 9.27 -31.61
N ASN A 53 17.19 8.17 -31.84
CA ASN A 53 17.78 6.96 -32.43
C ASN A 53 18.39 7.17 -33.82
N GLU A 54 17.63 7.78 -34.70
CA GLU A 54 18.12 8.01 -36.04
C GLU A 54 19.39 8.85 -36.13
N SER A 55 19.36 10.05 -35.56
CA SER A 55 20.47 11.00 -35.71
C SER A 55 21.60 10.75 -34.71
N GLY A 56 21.30 10.03 -33.65
CA GLY A 56 22.25 9.77 -32.57
C GLY A 56 22.59 11.03 -31.79
N LYS A 57 21.62 11.91 -31.63
CA LYS A 57 21.84 13.18 -30.93
C LYS A 57 20.90 13.29 -29.76
N SER A 58 21.28 14.07 -28.75
CA SER A 58 20.40 14.34 -27.64
C SER A 58 19.40 15.41 -28.09
N VAL A 59 18.13 15.22 -27.78
CA VAL A 59 17.07 16.17 -28.13
C VAL A 59 16.12 16.33 -26.95
N ASP A 60 15.46 17.49 -26.85
CA ASP A 60 14.40 17.68 -25.84
C ASP A 60 13.28 16.68 -26.08
N SER A 61 12.86 16.03 -25.00
CA SER A 61 11.65 15.20 -25.02
C SER A 61 10.43 16.03 -25.39
N GLU A 62 9.55 15.45 -26.23
CA GLU A 62 8.25 16.05 -26.50
C GLU A 62 7.17 15.44 -25.61
N ILE A 63 7.57 14.51 -24.75
CA ILE A 63 6.60 13.76 -23.94
C ILE A 63 6.61 14.21 -22.48
N ARG A 64 7.81 14.27 -21.89
CA ARG A 64 7.98 14.91 -20.60
C ARG A 64 8.79 16.16 -20.84
N THR A 65 8.18 17.32 -20.65
CA THR A 65 8.83 18.56 -21.00
C THR A 65 9.26 19.38 -19.78
N SER A 66 9.16 18.77 -18.59
CA SER A 66 9.71 19.35 -17.35
C SER A 66 11.24 19.38 -17.39
N THR A 67 11.82 20.05 -16.41
CA THR A 67 13.20 19.76 -16.03
C THR A 67 13.20 18.61 -15.02
N GLY A 68 14.35 18.00 -14.81
CA GLY A 68 14.38 16.80 -13.98
C GLY A 68 15.74 16.53 -13.41
N THR A 69 15.73 15.81 -12.29
CA THR A 69 16.93 15.25 -11.70
C THR A 69 16.58 14.02 -10.88
N TRP A 70 17.59 13.41 -10.29
CA TRP A 70 17.39 12.27 -9.45
C TRP A 70 18.29 12.34 -8.24
N PHE A 71 17.81 11.71 -7.16
CA PHE A 71 18.62 11.45 -5.97
C PHE A 71 18.76 9.94 -5.77
N ALA A 72 19.92 9.52 -5.30
CA ALA A 72 20.14 8.11 -5.05
C ALA A 72 19.28 7.70 -3.85
N LYS A 73 18.81 6.46 -3.83
CA LYS A 73 18.14 5.95 -2.63
C LYS A 73 19.16 6.00 -1.49
N GLY A 74 18.77 6.57 -0.36
CA GLY A 74 19.64 6.74 0.78
C GLY A 74 20.59 7.92 0.64
N GLU A 75 20.31 8.77 -0.33
CA GLU A 75 21.14 9.93 -0.67
C GLU A 75 21.74 10.65 0.55
N ASP A 76 20.88 11.00 1.50
CA ASP A 76 21.25 11.70 2.73
C ASP A 76 20.20 11.39 3.80
N SER A 77 20.40 11.89 5.03
CA SER A 77 19.51 11.54 6.15
C SER A 77 18.08 12.00 5.98
N VAL A 78 17.87 13.25 5.56
CA VAL A 78 16.51 13.80 5.42
C VAL A 78 15.69 13.03 4.37
N ILE A 79 16.28 12.79 3.20
CA ILE A 79 15.64 11.96 2.16
C ILE A 79 15.40 10.51 2.64
N SER A 80 16.39 9.93 3.33
CA SER A 80 16.29 8.55 3.87
C SER A 80 15.03 8.35 4.72
N LYS A 81 14.71 9.36 5.52
CA LYS A 81 13.57 9.32 6.43
C LYS A 81 12.25 9.23 5.65
N ILE A 82 12.10 10.12 4.67
CA ILE A 82 10.98 10.07 3.75
C ILE A 82 10.88 8.71 3.03
N GLU A 83 12.02 8.19 2.61
CA GLU A 83 12.06 6.92 1.90
C GLU A 83 11.54 5.76 2.74
N LYS A 84 11.86 5.78 4.03
CA LYS A 84 11.33 4.78 4.95
C LYS A 84 9.83 4.95 5.14
N ARG A 85 9.37 6.19 5.20
CA ARG A 85 7.94 6.47 5.28
C ARG A 85 7.19 5.96 4.05
N VAL A 86 7.77 6.15 2.86
CA VAL A 86 7.16 5.64 1.63
C VAL A 86 7.07 4.11 1.66
N ALA A 87 8.12 3.48 2.17
CA ALA A 87 8.14 2.04 2.31
C ALA A 87 6.99 1.56 3.25
N GLN A 88 6.79 2.28 4.37
CA GLN A 88 5.75 1.94 5.34
C GLN A 88 4.36 2.02 4.73
N VAL A 89 4.07 3.12 4.03
CA VAL A 89 2.70 3.29 3.53
C VAL A 89 2.35 2.40 2.34
N THR A 90 3.36 2.05 1.54
CA THR A 90 3.14 1.13 0.43
C THR A 90 3.28 -0.34 0.86
N MET A 91 3.90 -0.60 2.01
CA MET A 91 4.08 -1.95 2.55
C MET A 91 4.99 -2.82 1.67
N ILE A 92 5.93 -2.16 0.97
CA ILE A 92 6.90 -2.81 0.08
C ILE A 92 8.29 -2.35 0.54
N PRO A 93 9.20 -3.30 0.78
CA PRO A 93 10.50 -2.97 1.39
C PRO A 93 11.39 -2.10 0.51
N LEU A 94 12.21 -1.28 1.17
CA LEU A 94 13.10 -0.31 0.48
C LEU A 94 13.94 -0.85 -0.67
N GLU A 95 14.29 -2.13 -0.58
CA GLU A 95 15.13 -2.80 -1.58
C GLU A 95 14.49 -2.80 -2.95
N ASN A 96 13.16 -2.66 -2.97
CA ASN A 96 12.41 -2.59 -4.24
C ASN A 96 12.21 -1.19 -4.77
N HIS A 97 12.66 -0.17 -4.04
CA HIS A 97 12.37 1.24 -4.44
C HIS A 97 13.51 1.86 -5.25
N GLU A 98 13.17 2.58 -6.33
CA GLU A 98 14.17 3.44 -6.96
C GLU A 98 14.40 4.65 -6.09
N GLY A 99 15.43 5.44 -6.39
CA GLY A 99 15.66 6.73 -5.71
C GLY A 99 14.67 7.79 -6.19
N LEU A 100 14.66 8.97 -5.58
CA LEU A 100 13.72 10.02 -5.95
C LEU A 100 13.95 10.63 -7.33
N GLN A 101 12.91 10.65 -8.17
CA GLN A 101 12.92 11.43 -9.39
C GLN A 101 12.24 12.80 -9.11
N VAL A 102 12.99 13.90 -9.20
CA VAL A 102 12.41 15.21 -8.90
C VAL A 102 12.15 15.97 -10.19
N LEU A 103 10.96 16.53 -10.35
CA LEU A 103 10.61 17.25 -11.58
C LEU A 103 10.13 18.66 -11.28
N HIS A 104 10.34 19.55 -12.24
CA HIS A 104 9.80 20.88 -12.13
C HIS A 104 9.14 21.20 -13.45
N TYR A 105 7.85 21.51 -13.40
CA TYR A 105 7.14 21.97 -14.58
C TYR A 105 6.70 23.39 -14.35
N HIS A 106 6.78 24.22 -15.39
CA HIS A 106 6.14 25.52 -15.39
C HIS A 106 5.94 25.97 -16.82
N ASP A 107 5.22 27.08 -17.00
CA ASP A 107 5.14 27.73 -18.31
C ASP A 107 4.64 26.79 -19.41
N GLY A 108 3.67 25.95 -19.06
CA GLY A 108 3.05 25.03 -20.04
C GLY A 108 3.59 23.61 -20.05
N GLN A 109 4.71 23.38 -19.36
CA GLN A 109 5.33 22.06 -19.31
C GLN A 109 4.43 20.97 -18.74
N LYS A 110 4.60 19.75 -19.26
CA LYS A 110 3.64 18.66 -19.08
C LYS A 110 4.34 17.31 -19.04
N TYR A 111 3.55 16.28 -18.81
CA TYR A 111 3.99 14.92 -19.07
C TYR A 111 2.81 14.23 -19.73
N GLU A 112 2.93 13.91 -21.02
CA GLU A 112 1.90 13.17 -21.75
C GLU A 112 1.57 11.85 -21.02
N PRO A 113 0.29 11.43 -21.02
CA PRO A 113 -0.08 10.15 -20.37
C PRO A 113 0.76 8.98 -20.85
N HIS A 114 1.16 8.14 -19.91
CA HIS A 114 2.03 7.00 -20.14
C HIS A 114 1.77 6.01 -19.01
N TYR A 115 2.49 4.90 -19.06
CA TYR A 115 2.47 3.90 -17.99
C TYR A 115 3.82 3.91 -17.27
N ASP A 116 3.81 3.70 -15.95
CA ASP A 116 5.06 3.58 -15.17
C ASP A 116 5.57 2.14 -15.10
N TYR A 117 5.08 1.26 -15.98
CA TYR A 117 5.46 -0.16 -15.93
C TYR A 117 6.99 -0.37 -15.83
N PHE A 118 7.75 0.40 -16.60
CA PHE A 118 9.19 0.24 -16.71
C PHE A 118 9.89 1.57 -16.79
N HIS A 119 11.19 1.56 -16.49
CA HIS A 119 12.11 2.65 -16.85
C HIS A 119 11.82 3.23 -18.23
N ASP A 120 11.96 4.55 -18.34
CA ASP A 120 11.86 5.26 -19.60
C ASP A 120 13.17 6.02 -19.80
N PRO A 121 13.71 6.01 -21.03
CA PRO A 121 14.95 6.75 -21.36
C PRO A 121 14.92 8.22 -20.94
N VAL A 122 13.73 8.79 -20.79
CA VAL A 122 13.62 10.20 -20.38
C VAL A 122 13.92 10.40 -18.89
N ASN A 123 13.90 9.32 -18.10
CA ASN A 123 14.09 9.45 -16.65
C ASN A 123 15.50 9.91 -16.38
N ALA A 124 15.66 10.81 -15.41
CA ALA A 124 17.00 11.19 -14.99
C ALA A 124 17.52 10.02 -14.17
N GLY A 125 18.83 9.84 -14.16
CA GLY A 125 19.41 8.80 -13.35
C GLY A 125 19.63 7.47 -14.03
N PRO A 126 19.91 6.42 -13.23
CA PRO A 126 20.27 5.12 -13.78
C PRO A 126 19.08 4.39 -14.41
N GLU A 127 19.40 3.38 -15.20
CA GLU A 127 18.42 2.51 -15.79
C GLU A 127 18.27 1.30 -14.87
N HIS A 128 17.09 1.12 -14.31
CA HIS A 128 16.80 0.00 -13.43
C HIS A 128 15.83 -0.91 -14.15
N GLY A 129 16.27 -2.12 -14.49
CA GLY A 129 15.38 -3.11 -15.05
C GLY A 129 14.37 -3.54 -13.99
N GLY A 130 13.23 -4.05 -14.41
CA GLY A 130 12.28 -4.57 -13.45
C GLY A 130 10.95 -3.87 -13.57
N GLN A 131 9.93 -4.50 -13.02
CA GLN A 131 8.57 -4.05 -13.18
C GLN A 131 8.12 -3.27 -11.96
N ARG A 132 7.60 -2.08 -12.19
CA ARG A 132 6.97 -1.29 -11.13
C ARG A 132 5.58 -1.85 -10.86
N VAL A 133 5.23 -1.98 -9.59
CA VAL A 133 3.85 -2.25 -9.19
C VAL A 133 3.13 -0.97 -8.78
N VAL A 134 3.84 -0.08 -8.09
CA VAL A 134 3.19 1.10 -7.50
C VAL A 134 4.10 2.33 -7.62
N THR A 135 3.48 3.49 -7.74
CA THR A 135 4.18 4.77 -7.83
C THR A 135 3.65 5.68 -6.75
N MET A 136 4.55 6.46 -6.13
CA MET A 136 4.12 7.52 -5.28
C MET A 136 4.62 8.83 -5.82
N LEU A 137 3.67 9.74 -6.05
CA LEU A 137 3.92 11.04 -6.57
C LEU A 137 3.66 12.06 -5.47
N MET A 138 4.74 12.75 -5.05
CA MET A 138 4.69 13.66 -3.93
C MET A 138 4.74 15.11 -4.45
N TYR A 139 3.73 15.91 -4.10
CA TYR A 139 3.66 17.27 -4.58
C TYR A 139 4.42 18.17 -3.62
N LEU A 140 5.43 18.87 -4.14
CA LEU A 140 6.33 19.71 -3.32
C LEU A 140 5.92 21.18 -3.30
N THR A 141 5.00 21.53 -4.19
CA THR A 141 4.43 22.87 -4.28
C THR A 141 2.93 22.75 -4.56
N THR A 142 2.20 23.82 -4.24
CA THR A 142 0.81 23.97 -4.65
C THR A 142 0.80 24.72 -5.99
N VAL A 143 0.13 24.16 -7.00
CA VAL A 143 0.06 24.77 -8.34
C VAL A 143 -1.25 25.56 -8.54
N GLU A 144 -1.15 26.86 -8.87
CA GLU A 144 -2.36 27.68 -9.00
C GLU A 144 -3.30 27.24 -10.11
N GLU A 145 -2.74 26.94 -11.28
CA GLU A 145 -3.55 26.58 -12.44
C GLU A 145 -2.86 25.49 -13.26
N GLY A 146 -3.63 24.47 -13.63
CA GLY A 146 -3.13 23.34 -14.40
C GLY A 146 -2.22 22.50 -13.53
N GLY A 147 -1.35 21.71 -14.16
CA GLY A 147 -0.47 20.81 -13.43
C GLY A 147 -1.13 19.61 -12.77
N GLU A 148 -2.41 19.33 -13.09
CA GLU A 148 -3.05 18.17 -12.44
C GLU A 148 -2.44 16.85 -12.93
N THR A 149 -2.31 15.88 -12.04
CA THR A 149 -2.06 14.52 -12.48
C THR A 149 -3.41 14.01 -12.97
N VAL A 150 -3.45 13.56 -14.23
CA VAL A 150 -4.65 13.11 -14.86
C VAL A 150 -4.55 11.61 -15.12
N LEU A 151 -5.67 10.92 -14.91
CA LEU A 151 -5.75 9.50 -15.21
C LEU A 151 -6.89 9.32 -16.21
N PRO A 152 -6.58 9.40 -17.53
CA PRO A 152 -7.63 9.38 -18.55
C PRO A 152 -8.50 8.11 -18.67
N ASN A 153 -8.00 6.95 -18.25
CA ASN A 153 -8.77 5.69 -18.32
C ASN A 153 -9.51 5.35 -17.05
N ALA A 154 -9.52 6.28 -16.10
CA ALA A 154 -10.26 6.09 -14.87
C ALA A 154 -11.76 6.11 -15.14
N GLU A 155 -12.51 5.50 -14.24
CA GLU A 155 -13.96 5.39 -14.32
C GLU A 155 -14.67 6.74 -14.26
N GLN A 156 -14.40 7.51 -13.20
CA GLN A 156 -15.11 8.76 -12.96
C GLN A 156 -14.22 9.97 -13.23
N LYS A 157 -14.47 10.63 -14.36
CA LYS A 157 -13.75 11.85 -14.71
C LYS A 157 -14.16 13.03 -13.82
N VAL A 158 -13.21 13.91 -13.54
CA VAL A 158 -13.50 15.17 -12.83
C VAL A 158 -14.23 16.15 -13.78
N THR A 159 -15.07 17.00 -13.20
CA THR A 159 -15.92 17.90 -13.96
C THR A 159 -16.03 19.24 -13.25
N GLY A 160 -16.40 20.26 -14.00
CA GLY A 160 -16.71 21.57 -13.44
C GLY A 160 -15.57 22.57 -13.62
N ASP A 161 -15.88 23.83 -13.36
CA ASP A 161 -14.89 24.87 -13.41
C ASP A 161 -13.90 24.72 -12.26
N GLY A 162 -12.65 25.11 -12.54
CA GLY A 162 -11.57 24.95 -11.58
C GLY A 162 -10.59 23.87 -12.00
N TRP A 163 -10.99 23.05 -12.96
CA TRP A 163 -10.14 22.02 -13.57
C TRP A 163 -9.67 22.45 -14.96
N SER A 164 -8.41 22.23 -15.30
CA SER A 164 -7.94 22.52 -16.65
C SER A 164 -8.63 21.59 -17.65
N GLU A 165 -8.74 22.00 -18.90
CA GLU A 165 -9.35 21.13 -19.93
C GLU A 165 -8.65 19.78 -20.01
N CYS A 166 -7.34 19.78 -19.77
CA CYS A 166 -6.58 18.55 -19.78
C CYS A 166 -7.08 17.62 -18.67
N ALA A 167 -7.33 18.19 -17.49
CA ALA A 167 -7.72 17.41 -16.30
C ALA A 167 -9.08 16.75 -16.49
N LYS A 168 -9.96 17.42 -17.22
CA LYS A 168 -11.32 16.94 -17.45
C LYS A 168 -11.35 15.71 -18.38
N ARG A 169 -10.21 15.29 -18.88
CA ARG A 169 -10.13 14.08 -19.69
C ARG A 169 -10.00 12.83 -18.83
N GLY A 170 -9.83 12.98 -17.53
CA GLY A 170 -9.79 11.79 -16.68
C GLY A 170 -10.18 12.08 -15.26
N LEU A 171 -9.83 11.16 -14.37
CA LEU A 171 -9.80 11.47 -12.95
C LEU A 171 -8.55 12.33 -12.84
N ALA A 172 -8.59 13.35 -12.00
CA ALA A 172 -7.46 14.26 -11.86
C ALA A 172 -7.20 14.70 -10.42
N VAL A 173 -5.95 15.04 -10.11
CA VAL A 173 -5.52 15.41 -8.75
C VAL A 173 -4.76 16.73 -8.84
N LYS A 174 -5.24 17.73 -8.09
CA LYS A 174 -4.56 19.03 -8.02
C LYS A 174 -3.35 18.96 -7.10
N PRO A 175 -2.18 19.39 -7.57
CA PRO A 175 -1.02 19.34 -6.70
C PRO A 175 -1.14 20.32 -5.53
N ILE A 176 -1.11 19.75 -4.33
CA ILE A 176 -1.19 20.54 -3.11
C ILE A 176 0.05 20.16 -2.30
N LYS A 177 0.81 21.17 -1.92
CA LYS A 177 2.07 20.99 -1.22
C LYS A 177 1.97 19.99 -0.06
N GLY A 178 2.75 18.92 -0.14
CA GLY A 178 2.79 17.94 0.94
C GLY A 178 1.96 16.70 0.74
N ASP A 179 1.00 16.75 -0.19
CA ASP A 179 0.15 15.58 -0.48
C ASP A 179 0.96 14.61 -1.33
N ALA A 180 0.56 13.33 -1.31
CA ALA A 180 1.19 12.33 -2.18
C ALA A 180 0.12 11.46 -2.79
N LEU A 181 0.20 11.23 -4.10
CA LEU A 181 -0.69 10.32 -4.79
C LEU A 181 -0.03 8.96 -4.93
N MET A 182 -0.67 7.93 -4.41
CA MET A 182 -0.24 6.58 -4.62
C MET A 182 -1.16 5.94 -5.65
N PHE A 183 -0.58 5.39 -6.70
CA PHE A 183 -1.38 4.63 -7.68
C PHE A 183 -0.63 3.42 -8.21
N TYR A 184 -1.42 2.38 -8.52
CA TYR A 184 -0.89 1.09 -8.86
C TYR A 184 -0.89 0.87 -10.35
N SER A 185 0.27 0.49 -10.87
CA SER A 185 0.40 0.13 -12.29
C SER A 185 -0.02 -1.32 -12.53
N LEU A 186 0.17 -2.17 -11.53
CA LEU A 186 -0.27 -3.58 -11.63
C LEU A 186 -1.44 -3.89 -10.73
N LYS A 187 -2.22 -4.87 -11.16
CA LYS A 187 -3.29 -5.42 -10.33
C LYS A 187 -2.67 -6.29 -9.23
N PRO A 188 -3.46 -6.60 -8.18
CA PRO A 188 -2.97 -7.45 -7.08
C PRO A 188 -2.42 -8.81 -7.54
N ASP A 189 -2.77 -9.25 -8.74
CA ASP A 189 -2.24 -10.51 -9.24
C ASP A 189 -1.00 -10.32 -10.15
N GLY A 190 -0.47 -9.10 -10.21
CA GLY A 190 0.72 -8.82 -11.01
C GLY A 190 0.46 -8.51 -12.49
N SER A 191 -0.79 -8.65 -12.93
CA SER A 191 -1.13 -8.29 -14.31
C SER A 191 -1.15 -6.77 -14.49
N ASN A 192 -0.93 -6.32 -15.73
CA ASN A 192 -0.96 -4.89 -16.02
C ASN A 192 -2.34 -4.33 -15.81
N ASP A 193 -2.43 -3.14 -15.22
CA ASP A 193 -3.70 -2.40 -15.21
C ASP A 193 -3.66 -1.25 -16.22
N PRO A 194 -4.32 -1.42 -17.37
CA PRO A 194 -4.37 -0.40 -18.42
C PRO A 194 -5.07 0.87 -17.94
N ALA A 195 -5.72 0.79 -16.79
CA ALA A 195 -6.41 1.95 -16.25
C ALA A 195 -5.46 2.90 -15.55
N SER A 196 -4.19 2.48 -15.41
CA SER A 196 -3.18 3.27 -14.69
C SER A 196 -2.47 4.32 -15.56
N LEU A 197 -2.91 4.46 -16.81
CA LEU A 197 -2.41 5.48 -17.71
C LEU A 197 -2.49 6.80 -16.96
N HIS A 198 -1.41 7.57 -16.93
CA HIS A 198 -1.47 8.83 -16.19
C HIS A 198 -0.47 9.84 -16.74
N GLY A 199 -0.80 11.11 -16.56
CA GLY A 199 0.04 12.20 -17.08
C GLY A 199 0.06 13.39 -16.13
N SER A 200 0.80 14.42 -16.50
CA SER A 200 0.83 15.71 -15.81
C SER A 200 0.32 16.73 -16.83
N CYS A 201 -0.85 17.29 -16.55
CA CYS A 201 -1.42 18.31 -17.39
C CYS A 201 -0.53 19.53 -17.37
N PRO A 202 -0.44 20.26 -18.49
CA PRO A 202 0.39 21.46 -18.56
C PRO A 202 0.23 22.32 -17.31
N THR A 203 1.35 22.76 -16.75
CA THR A 203 1.30 23.70 -15.67
C THR A 203 1.06 25.09 -16.29
N LEU A 204 0.00 25.78 -15.89
CA LEU A 204 -0.42 27.02 -16.59
C LEU A 204 -0.07 28.29 -15.84
N LYS A 205 -0.07 28.20 -14.51
CA LYS A 205 0.28 29.30 -13.62
C LYS A 205 0.99 28.74 -12.40
N GLY A 206 2.15 29.31 -12.08
CA GLY A 206 2.92 28.82 -10.92
C GLY A 206 4.04 27.88 -11.30
N ASP A 207 4.48 27.10 -10.31
CA ASP A 207 5.58 26.17 -10.48
C ASP A 207 5.19 24.86 -9.83
N LYS A 208 5.26 23.78 -10.61
CA LYS A 208 4.95 22.46 -10.08
C LYS A 208 6.25 21.74 -9.83
N TRP A 209 6.54 21.46 -8.57
CA TRP A 209 7.64 20.60 -8.21
C TRP A 209 7.05 19.32 -7.68
N SER A 210 7.55 18.19 -8.19
CA SER A 210 7.09 16.87 -7.73
C SER A 210 8.26 15.94 -7.53
N ALA A 211 8.09 14.93 -6.68
CA ALA A 211 9.08 13.87 -6.50
C ALA A 211 8.37 12.54 -6.70
N THR A 212 8.89 11.71 -7.60
CA THR A 212 8.32 10.40 -7.90
C THR A 212 9.17 9.30 -7.29
N LYS A 213 8.47 8.32 -6.69
CA LYS A 213 9.06 7.11 -6.18
C LYS A 213 8.43 5.94 -6.95
N TRP A 214 9.26 5.30 -7.75
CA TRP A 214 8.87 4.11 -8.49
C TRP A 214 9.26 2.85 -7.71
N ILE A 215 8.29 1.96 -7.50
CA ILE A 215 8.46 0.81 -6.60
C ILE A 215 8.21 -0.51 -7.34
N HIS A 216 9.24 -1.37 -7.36
CA HIS A 216 9.23 -2.59 -8.14
C HIS A 216 8.63 -3.77 -7.36
N VAL A 217 8.28 -4.84 -8.08
CA VAL A 217 7.79 -6.08 -7.46
C VAL A 217 8.90 -6.90 -6.82
N ALA A 218 10.15 -6.57 -7.12
CA ALA A 218 11.27 -7.38 -6.69
C ALA A 218 12.43 -6.43 -6.43
N PRO A 219 13.43 -6.85 -5.64
CA PRO A 219 14.55 -5.97 -5.35
C PRO A 219 15.24 -5.44 -6.61
N ILE A 220 15.63 -4.17 -6.57
CA ILE A 220 16.38 -3.52 -7.65
C ILE A 220 17.75 -4.17 -7.76
N GLY A 221 18.20 -4.33 -8.99
CA GLY A 221 19.49 -4.95 -9.29
C GLY A 221 19.50 -6.42 -8.92
N GLY A 222 20.38 -6.79 -7.98
CA GLY A 222 21.24 -5.85 -7.28
C GLY A 222 22.72 -6.05 -7.52
N GLU B 7 -16.23 3.76 15.49
CA GLU B 7 -15.07 4.10 14.62
C GLU B 7 -13.87 4.58 15.46
N GLU B 8 -12.88 3.69 15.62
CA GLU B 8 -11.71 3.96 16.44
C GLU B 8 -10.45 4.12 15.59
N TRP B 9 -10.52 3.66 14.34
CA TRP B 9 -9.38 3.66 13.42
C TRP B 9 -8.94 5.06 12.97
N ARG B 10 -7.70 5.42 13.31
CA ARG B 10 -7.15 6.74 13.00
C ARG B 10 -5.88 6.61 12.16
N GLY B 11 -5.49 5.38 11.87
CA GLY B 11 -4.35 5.15 10.98
C GLY B 11 -3.06 4.76 11.67
N GLU B 12 -3.12 4.43 12.97
CA GLU B 12 -1.90 4.03 13.66
C GLU B 12 -1.46 2.59 13.36
N VAL B 13 -0.35 2.51 12.65
CA VAL B 13 0.23 1.24 12.25
C VAL B 13 1.58 1.08 12.91
N VAL B 14 1.85 -0.11 13.41
CA VAL B 14 3.16 -0.42 13.96
C VAL B 14 3.80 -1.43 13.02
N HIS B 15 4.95 -1.09 12.47
CA HIS B 15 5.68 -2.04 11.64
C HIS B 15 6.17 -3.19 12.51
N LEU B 16 5.87 -4.42 12.12
CA LEU B 16 6.40 -5.58 12.84
C LEU B 16 7.57 -6.21 12.12
N SER B 17 7.43 -6.50 10.83
CA SER B 17 8.49 -7.20 10.10
C SER B 17 8.43 -6.96 8.60
N TRP B 18 9.58 -7.04 7.93
CA TRP B 18 9.61 -7.12 6.47
C TRP B 18 9.66 -8.56 5.96
N SER B 19 10.14 -9.50 6.77
CA SER B 19 10.19 -10.90 6.35
C SER B 19 9.68 -11.80 7.47
N PRO B 20 8.36 -12.12 7.48
CA PRO B 20 7.35 -11.77 6.47
C PRO B 20 6.92 -10.30 6.62
N ARG B 21 6.20 -9.81 5.62
CA ARG B 21 5.62 -8.47 5.73
C ARG B 21 4.45 -8.52 6.70
N ALA B 22 4.60 -7.85 7.84
CA ALA B 22 3.60 -7.86 8.89
C ALA B 22 3.48 -6.50 9.57
N PHE B 23 2.23 -6.06 9.79
CA PHE B 23 1.93 -4.73 10.33
C PHE B 23 0.78 -4.87 11.33
N LEU B 24 0.90 -4.12 12.42
CA LEU B 24 -0.08 -4.16 13.48
C LEU B 24 -0.87 -2.87 13.41
N LEU B 25 -2.17 -3.00 13.22
CA LEU B 25 -3.04 -1.84 13.14
C LEU B 25 -3.73 -1.69 14.48
N LYS B 26 -3.31 -0.66 15.21
CA LYS B 26 -3.86 -0.34 16.53
C LYS B 26 -5.24 0.24 16.41
N ASN B 27 -6.14 -0.24 17.26
CA ASN B 27 -7.55 0.21 17.28
C ASN B 27 -8.19 0.19 15.89
N PHE B 28 -7.94 -0.87 15.14
CA PHE B 28 -8.55 -1.01 13.82
C PHE B 28 -10.09 -1.14 13.98
N LEU B 29 -10.49 -1.88 15.01
CA LEU B 29 -11.89 -2.00 15.39
C LEU B 29 -12.08 -1.29 16.70
N SER B 30 -13.22 -0.61 16.85
CA SER B 30 -13.62 -0.12 18.16
C SER B 30 -14.04 -1.30 19.05
N ASP B 31 -14.11 -1.04 20.36
CA ASP B 31 -14.67 -1.97 21.33
C ASP B 31 -16.12 -2.33 21.00
N GLU B 32 -16.91 -1.33 20.62
CA GLU B 32 -18.29 -1.54 20.21
C GLU B 32 -18.36 -2.51 19.03
N GLU B 33 -17.51 -2.32 18.03
CA GLU B 33 -17.48 -3.21 16.86
C GLU B 33 -17.11 -4.63 17.25
N CYS B 34 -16.09 -4.75 18.11
CA CYS B 34 -15.64 -6.05 18.64
C CYS B 34 -16.76 -6.79 19.37
N ASP B 35 -17.41 -6.09 20.30
CA ASP B 35 -18.51 -6.63 21.08
C ASP B 35 -19.66 -7.01 20.16
N TYR B 36 -20.00 -6.14 19.21
CA TYR B 36 -21.04 -6.44 18.23
C TYR B 36 -20.81 -7.80 17.53
N ILE B 37 -19.59 -8.03 17.07
CA ILE B 37 -19.26 -9.21 16.27
C ILE B 37 -19.34 -10.50 17.10
N VAL B 38 -18.75 -10.47 18.30
CA VAL B 38 -18.88 -11.58 19.25
C VAL B 38 -20.36 -11.88 19.54
N GLU B 39 -21.12 -10.84 19.87
CA GLU B 39 -22.56 -11.00 20.20
C GLU B 39 -23.37 -11.56 19.05
N LYS B 40 -22.99 -11.22 17.82
CA LYS B 40 -23.66 -11.73 16.65
C LYS B 40 -23.29 -13.19 16.39
N ALA B 41 -22.05 -13.55 16.68
CA ALA B 41 -21.51 -14.86 16.34
C ALA B 41 -21.91 -15.94 17.36
N ARG B 42 -22.04 -15.55 18.63
CA ARG B 42 -22.40 -16.48 19.70
C ARG B 42 -23.56 -17.43 19.34
N PRO B 43 -24.77 -16.88 19.08
CA PRO B 43 -25.93 -17.73 18.78
C PRO B 43 -25.72 -18.61 17.56
N LYS B 44 -24.85 -18.15 16.66
CA LYS B 44 -24.57 -18.87 15.41
C LYS B 44 -23.61 -20.05 15.60
N MET B 45 -23.09 -20.23 16.82
CA MET B 45 -22.08 -21.24 17.10
C MET B 45 -22.62 -22.44 17.88
N THR B 65 -10.96 -27.35 20.16
CA THR B 65 -9.88 -26.37 20.01
C THR B 65 -10.42 -24.96 19.70
N SER B 66 -11.32 -24.87 18.71
CA SER B 66 -12.03 -23.63 18.39
C SER B 66 -13.39 -23.88 17.69
N THR B 67 -14.33 -22.96 17.87
CA THR B 67 -15.60 -23.00 17.15
C THR B 67 -15.62 -21.79 16.21
N GLY B 68 -16.13 -21.99 15.00
CA GLY B 68 -16.16 -20.92 14.01
C GLY B 68 -17.49 -20.68 13.35
N THR B 69 -17.65 -19.45 12.85
CA THR B 69 -18.80 -19.10 12.03
C THR B 69 -18.41 -18.07 10.96
N TRP B 70 -19.28 -17.89 9.96
CA TRP B 70 -19.01 -16.96 8.87
C TRP B 70 -20.07 -15.91 8.75
N PHE B 71 -19.65 -14.71 8.38
CA PHE B 71 -20.54 -13.64 7.99
C PHE B 71 -20.26 -13.27 6.55
N ALA B 72 -21.26 -13.47 5.71
CA ALA B 72 -21.15 -13.17 4.27
C ALA B 72 -20.92 -11.68 4.02
N LYS B 73 -20.22 -11.36 2.94
CA LYS B 73 -19.96 -9.99 2.58
C LYS B 73 -21.22 -9.16 2.35
N GLY B 74 -21.24 -7.98 2.97
CA GLY B 74 -22.31 -7.00 2.76
C GLY B 74 -23.67 -7.31 3.38
N GLU B 75 -23.73 -8.29 4.28
CA GLU B 75 -25.03 -8.74 4.81
C GLU B 75 -25.44 -8.10 6.14
N ASP B 76 -24.52 -7.33 6.73
CA ASP B 76 -24.74 -6.69 8.03
C ASP B 76 -24.10 -5.33 7.91
N SER B 77 -24.82 -4.27 8.28
CA SER B 77 -24.33 -2.91 8.01
C SER B 77 -23.08 -2.54 8.86
N VAL B 78 -23.00 -3.07 10.09
CA VAL B 78 -21.82 -2.85 10.92
C VAL B 78 -20.61 -3.53 10.28
N ILE B 79 -20.77 -4.80 9.91
CA ILE B 79 -19.67 -5.56 9.38
C ILE B 79 -19.26 -5.02 8.02
N SER B 80 -20.23 -4.58 7.22
CA SER B 80 -19.95 -3.99 5.92
C SER B 80 -19.04 -2.77 6.00
N LYS B 81 -19.26 -1.93 7.02
CA LYS B 81 -18.39 -0.80 7.28
C LYS B 81 -16.98 -1.29 7.55
N ILE B 82 -16.90 -2.35 8.36
CA ILE B 82 -15.60 -2.96 8.70
C ILE B 82 -14.94 -3.52 7.42
N GLU B 83 -15.74 -4.17 6.57
CA GLU B 83 -15.25 -4.72 5.30
C GLU B 83 -14.62 -3.65 4.40
N LYS B 84 -15.31 -2.51 4.27
CA LYS B 84 -14.78 -1.37 3.48
C LYS B 84 -13.46 -0.83 4.06
N ARG B 85 -13.36 -0.78 5.39
CA ARG B 85 -12.13 -0.34 6.06
C ARG B 85 -10.95 -1.26 5.73
N VAL B 86 -11.19 -2.57 5.75
CA VAL B 86 -10.15 -3.55 5.42
C VAL B 86 -9.70 -3.35 3.95
N ALA B 87 -10.64 -3.04 3.07
CA ALA B 87 -10.31 -2.84 1.65
C ALA B 87 -9.40 -1.62 1.58
N GLN B 88 -9.77 -0.60 2.34
CA GLN B 88 -9.03 0.67 2.35
C GLN B 88 -7.58 0.49 2.83
N VAL B 89 -7.37 -0.13 3.98
CA VAL B 89 -6.00 -0.32 4.49
C VAL B 89 -5.10 -1.29 3.69
N THR B 90 -5.69 -2.30 3.07
CA THR B 90 -4.92 -3.25 2.27
C THR B 90 -4.82 -2.78 0.81
N MET B 91 -5.68 -1.82 0.43
CA MET B 91 -5.76 -1.26 -0.93
C MET B 91 -6.08 -2.35 -1.97
N ILE B 92 -6.83 -3.35 -1.53
CA ILE B 92 -7.25 -4.44 -2.41
C ILE B 92 -8.78 -4.48 -2.39
N PRO B 93 -9.41 -4.48 -3.58
CA PRO B 93 -10.87 -4.31 -3.60
C PRO B 93 -11.67 -5.48 -3.02
N LEU B 94 -12.88 -5.20 -2.57
CA LEU B 94 -13.74 -6.19 -1.86
C LEU B 94 -14.08 -7.46 -2.63
N GLU B 95 -14.12 -7.38 -3.95
CA GLU B 95 -14.41 -8.56 -4.75
C GLU B 95 -13.33 -9.64 -4.55
N ASN B 96 -12.14 -9.24 -4.09
CA ASN B 96 -11.03 -10.16 -3.80
C ASN B 96 -11.13 -10.82 -2.41
N HIS B 97 -12.07 -10.36 -1.58
CA HIS B 97 -12.13 -10.78 -0.17
C HIS B 97 -13.03 -11.96 0.08
N GLU B 98 -12.64 -12.82 1.01
CA GLU B 98 -13.55 -13.84 1.53
C GLU B 98 -14.54 -13.15 2.50
N GLY B 99 -15.47 -13.93 3.05
CA GLY B 99 -16.35 -13.45 4.13
C GLY B 99 -15.55 -13.19 5.41
N LEU B 100 -16.24 -12.79 6.46
CA LEU B 100 -15.58 -12.64 7.74
C LEU B 100 -15.72 -13.95 8.53
N GLN B 101 -14.60 -14.62 8.78
CA GLN B 101 -14.60 -15.77 9.66
C GLN B 101 -14.43 -15.31 11.11
N VAL B 102 -15.30 -15.79 12.00
CA VAL B 102 -15.20 -15.48 13.43
C VAL B 102 -14.96 -16.77 14.20
N LEU B 103 -13.94 -16.74 15.06
CA LEU B 103 -13.50 -17.90 15.82
C LEU B 103 -13.55 -17.64 17.32
N HIS B 104 -13.98 -18.65 18.05
CA HIS B 104 -13.85 -18.64 19.50
C HIS B 104 -12.94 -19.79 19.91
N TYR B 105 -11.84 -19.45 20.58
CA TYR B 105 -10.80 -20.40 20.94
C TYR B 105 -11.07 -21.05 22.28
N HIS B 106 -10.84 -22.36 22.33
CA HIS B 106 -11.01 -23.13 23.55
C HIS B 106 -9.68 -23.68 24.03
N GLN B 109 -6.78 -26.39 22.43
CA GLN B 109 -6.23 -25.65 21.30
C GLN B 109 -4.70 -25.64 21.34
N LYS B 110 -4.08 -25.96 20.22
CA LYS B 110 -2.65 -26.17 20.19
C LYS B 110 -1.97 -25.41 19.07
N TYR B 111 -0.69 -25.09 19.28
CA TYR B 111 0.14 -24.40 18.31
C TYR B 111 0.40 -25.30 17.11
N GLU B 112 -0.09 -24.88 15.95
CA GLU B 112 0.00 -25.65 14.73
C GLU B 112 0.37 -24.69 13.64
N PRO B 113 1.69 -24.50 13.42
CA PRO B 113 2.11 -23.53 12.42
C PRO B 113 1.67 -23.96 11.01
N HIS B 114 1.25 -22.99 10.21
CA HIS B 114 0.71 -23.23 8.88
C HIS B 114 0.93 -22.01 7.98
N TYR B 115 0.70 -22.22 6.69
CA TYR B 115 0.66 -21.15 5.71
C TYR B 115 -0.78 -20.89 5.31
N ASP B 116 -1.11 -19.62 5.09
CA ASP B 116 -2.46 -19.29 4.59
C ASP B 116 -2.57 -19.42 3.06
N TYR B 117 -1.45 -19.33 2.35
CA TYR B 117 -1.49 -19.61 0.92
C TYR B 117 -1.78 -21.09 0.72
N PHE B 118 -2.28 -21.42 -0.47
CA PHE B 118 -2.64 -22.79 -0.80
C PHE B 118 -1.47 -23.54 -1.38
N HIS B 119 -1.20 -24.72 -0.81
CA HIS B 119 -0.15 -25.61 -1.28
C HIS B 119 -0.51 -26.32 -2.56
N ASP B 120 -1.81 -26.57 -2.77
CA ASP B 120 -2.28 -27.23 -3.99
C ASP B 120 -2.76 -26.13 -4.92
N PRO B 121 -2.10 -25.98 -6.08
CA PRO B 121 -2.43 -24.90 -7.03
C PRO B 121 -3.89 -24.91 -7.46
N VAL B 122 -4.51 -26.09 -7.42
CA VAL B 122 -5.89 -26.25 -7.82
C VAL B 122 -6.81 -25.44 -6.87
N ASN B 123 -6.37 -25.28 -5.62
CA ASN B 123 -7.13 -24.49 -4.65
C ASN B 123 -6.93 -22.98 -4.81
N ALA B 124 -5.94 -22.61 -5.61
CA ALA B 124 -5.65 -21.20 -5.93
C ALA B 124 -5.93 -20.86 -7.39
N GLY B 125 -6.92 -21.52 -7.98
CA GLY B 125 -7.30 -21.25 -9.35
C GLY B 125 -8.07 -19.94 -9.45
N PRO B 126 -8.33 -19.46 -10.68
CA PRO B 126 -9.10 -18.21 -10.92
C PRO B 126 -10.46 -18.17 -10.22
N GLU B 127 -11.13 -19.31 -10.16
CA GLU B 127 -12.44 -19.44 -9.54
C GLU B 127 -12.43 -19.05 -8.06
N HIS B 128 -11.30 -19.27 -7.42
CA HIS B 128 -11.14 -19.00 -5.98
C HIS B 128 -10.55 -17.62 -5.71
N GLY B 129 -10.26 -16.87 -6.78
CA GLY B 129 -9.60 -15.57 -6.66
C GLY B 129 -8.09 -15.68 -6.69
N GLY B 130 -7.57 -16.77 -7.22
CA GLY B 130 -6.12 -17.04 -7.15
C GLY B 130 -5.67 -17.24 -5.70
N GLN B 131 -4.37 -17.08 -5.45
CA GLN B 131 -3.81 -17.22 -4.12
C GLN B 131 -4.36 -16.19 -3.13
N ARG B 132 -4.33 -16.57 -1.85
CA ARG B 132 -4.50 -15.60 -0.78
C ARG B 132 -3.21 -14.79 -0.68
N VAL B 133 -3.34 -13.48 -0.55
CA VAL B 133 -2.16 -12.62 -0.48
C VAL B 133 -2.04 -11.94 0.87
N VAL B 134 -3.18 -11.55 1.44
CA VAL B 134 -3.20 -10.84 2.74
C VAL B 134 -4.18 -11.49 3.69
N THR B 135 -3.77 -11.63 4.94
CA THR B 135 -4.62 -12.03 6.06
C THR B 135 -4.74 -10.88 7.01
N MET B 136 -5.99 -10.53 7.35
CA MET B 136 -6.25 -9.58 8.40
C MET B 136 -6.84 -10.38 9.56
N LEU B 137 -6.13 -10.35 10.68
CA LEU B 137 -6.57 -11.03 11.89
C LEU B 137 -6.97 -9.99 12.94
N MET B 138 -8.27 -9.93 13.24
CA MET B 138 -8.81 -8.96 14.19
C MET B 138 -9.06 -9.59 15.55
N TYR B 139 -8.37 -9.08 16.57
CA TYR B 139 -8.57 -9.56 17.93
C TYR B 139 -9.82 -8.92 18.52
N LEU B 140 -10.79 -9.75 18.85
CA LEU B 140 -12.07 -9.26 19.37
C LEU B 140 -12.10 -9.15 20.89
N THR B 141 -11.10 -9.73 21.55
CA THR B 141 -10.97 -9.64 23.01
C THR B 141 -9.51 -9.49 23.38
N THR B 142 -9.26 -8.95 24.58
CA THR B 142 -7.90 -8.92 25.11
C THR B 142 -7.65 -10.18 25.93
N VAL B 143 -6.51 -10.84 25.67
CA VAL B 143 -6.13 -12.08 26.34
C VAL B 143 -4.92 -11.86 27.25
N GLU B 144 -5.08 -12.15 28.54
CA GLU B 144 -4.07 -11.85 29.54
C GLU B 144 -2.78 -12.63 29.37
N GLU B 145 -2.89 -13.91 29.09
CA GLU B 145 -1.72 -14.77 28.98
C GLU B 145 -1.91 -15.79 27.87
N GLY B 146 -0.90 -15.90 27.01
CA GLY B 146 -0.94 -16.80 25.88
C GLY B 146 -1.83 -16.26 24.79
N GLY B 147 -2.20 -17.14 23.87
CA GLY B 147 -3.06 -16.77 22.77
C GLY B 147 -2.38 -15.99 21.66
N GLU B 148 -1.08 -15.74 21.76
CA GLU B 148 -0.41 -14.88 20.74
C GLU B 148 -0.40 -15.49 19.35
N THR B 149 -0.45 -14.65 18.33
CA THR B 149 -0.07 -15.09 16.99
C THR B 149 1.45 -15.02 16.91
N VAL B 150 2.06 -16.14 16.55
CA VAL B 150 3.52 -16.24 16.50
C VAL B 150 3.95 -16.49 15.07
N LEU B 151 5.03 -15.82 14.67
CA LEU B 151 5.60 -15.97 13.34
C LEU B 151 7.06 -16.40 13.53
N PRO B 152 7.28 -17.72 13.51
CA PRO B 152 8.55 -18.34 13.89
C PRO B 152 9.67 -18.12 12.89
N ASN B 153 9.34 -17.71 11.67
CA ASN B 153 10.32 -17.51 10.62
C ASN B 153 10.67 -16.02 10.45
N ALA B 154 10.14 -15.17 11.31
CA ALA B 154 10.49 -13.75 11.27
C ALA B 154 11.89 -13.57 11.84
N GLU B 155 12.56 -12.51 11.41
CA GLU B 155 13.93 -12.20 11.84
C GLU B 155 13.97 -11.89 13.35
N GLN B 156 13.00 -11.10 13.81
CA GLN B 156 13.03 -10.54 15.16
C GLN B 156 12.10 -11.28 16.11
N LYS B 157 12.68 -12.04 17.03
CA LYS B 157 11.87 -12.75 18.01
C LYS B 157 11.46 -11.81 19.16
N VAL B 158 10.31 -12.06 19.77
CA VAL B 158 9.95 -11.36 20.99
C VAL B 158 10.71 -11.97 22.17
N THR B 159 10.92 -11.18 23.22
CA THR B 159 11.63 -11.65 24.40
C THR B 159 11.12 -10.87 25.63
N GLY B 160 11.34 -11.43 26.81
CA GLY B 160 11.00 -10.75 28.06
C GLY B 160 9.61 -11.02 28.60
N ASP B 161 9.17 -10.16 29.52
CA ASP B 161 7.88 -10.29 30.20
C ASP B 161 6.71 -10.05 29.25
N GLY B 162 5.61 -10.75 29.50
CA GLY B 162 4.41 -10.53 28.72
C GLY B 162 4.26 -11.48 27.53
N TRP B 163 5.26 -12.32 27.30
CA TRP B 163 5.19 -13.27 26.18
C TRP B 163 5.17 -14.71 26.69
N SER B 164 4.26 -15.52 26.16
CA SER B 164 4.23 -16.94 26.47
C SER B 164 5.48 -17.60 25.89
N GLU B 165 5.91 -18.73 26.44
CA GLU B 165 7.08 -19.42 25.88
C GLU B 165 6.85 -19.88 24.44
N CYS B 166 5.60 -20.18 24.09
CA CYS B 166 5.22 -20.41 22.70
C CYS B 166 5.48 -19.15 21.85
N ALA B 167 5.16 -17.99 22.41
CA ALA B 167 5.29 -16.74 21.68
C ALA B 167 6.77 -16.47 21.37
N LYS B 168 7.63 -16.88 22.28
CA LYS B 168 9.07 -16.64 22.18
C LYS B 168 9.75 -17.43 21.06
N ARG B 169 9.01 -18.37 20.45
CA ARG B 169 9.46 -19.08 19.22
C ARG B 169 9.67 -18.10 18.04
N GLY B 170 9.04 -16.94 18.08
CA GLY B 170 9.21 -16.01 16.97
C GLY B 170 8.82 -14.59 17.31
N LEU B 171 8.47 -13.86 16.25
CA LEU B 171 7.81 -12.58 16.39
C LEU B 171 6.40 -12.93 16.80
N ALA B 172 5.89 -12.27 17.83
CA ALA B 172 4.56 -12.58 18.31
C ALA B 172 3.70 -11.34 18.45
N VAL B 173 2.38 -11.56 18.40
CA VAL B 173 1.39 -10.50 18.57
C VAL B 173 0.39 -10.83 19.68
N LYS B 174 0.25 -9.91 20.63
CA LYS B 174 -0.70 -10.10 21.75
C LYS B 174 -2.12 -9.87 21.28
N PRO B 175 -3.04 -10.75 21.70
CA PRO B 175 -4.43 -10.42 21.43
C PRO B 175 -4.90 -9.26 22.30
N ILE B 176 -5.01 -8.09 21.68
CA ILE B 176 -5.54 -6.90 22.33
C ILE B 176 -6.79 -6.46 21.59
N LYS B 177 -7.90 -6.31 22.31
CA LYS B 177 -9.19 -5.95 21.73
C LYS B 177 -9.10 -4.78 20.77
N GLY B 178 -9.46 -5.04 19.52
CA GLY B 178 -9.52 -3.97 18.52
C GLY B 178 -8.31 -3.84 17.63
N ASP B 179 -7.21 -4.47 18.00
CA ASP B 179 -6.05 -4.51 17.14
C ASP B 179 -6.29 -5.47 15.99
N ALA B 180 -5.63 -5.18 14.87
CA ALA B 180 -5.62 -6.06 13.70
C ALA B 180 -4.20 -6.31 13.21
N LEU B 181 -3.84 -7.58 13.11
CA LEU B 181 -2.60 -7.98 12.46
C LEU B 181 -2.86 -8.18 10.97
N MET B 182 -2.09 -7.49 10.15
CA MET B 182 -2.08 -7.69 8.71
C MET B 182 -0.77 -8.33 8.30
N PHE B 183 -0.81 -9.50 7.68
CA PHE B 183 0.44 -10.05 7.11
C PHE B 183 0.27 -10.61 5.71
N TYR B 184 1.37 -10.63 4.95
CA TYR B 184 1.31 -11.03 3.56
C TYR B 184 1.81 -12.47 3.43
N SER B 185 1.05 -13.31 2.71
CA SER B 185 1.44 -14.71 2.46
C SER B 185 2.28 -14.84 1.19
N LEU B 186 2.25 -13.79 0.38
CA LEU B 186 3.00 -13.74 -0.86
C LEU B 186 3.98 -12.57 -0.82
N LYS B 187 5.09 -12.73 -1.54
CA LYS B 187 6.01 -11.62 -1.79
C LYS B 187 5.36 -10.67 -2.80
N PRO B 188 5.89 -9.45 -2.95
CA PRO B 188 5.35 -8.51 -3.96
C PRO B 188 5.33 -9.01 -5.40
N ASP B 189 6.18 -9.98 -5.72
CA ASP B 189 6.19 -10.56 -7.06
C ASP B 189 5.20 -11.72 -7.19
N GLY B 190 4.42 -11.96 -6.14
CA GLY B 190 3.32 -12.93 -6.16
C GLY B 190 3.74 -14.35 -5.77
N SER B 191 5.02 -14.58 -5.60
CA SER B 191 5.49 -15.88 -5.11
C SER B 191 5.16 -16.11 -3.65
N ASN B 192 4.95 -17.38 -3.30
CA ASN B 192 4.65 -17.77 -1.91
C ASN B 192 5.80 -17.32 -1.02
N ASP B 193 5.49 -16.76 0.14
CA ASP B 193 6.54 -16.38 1.08
C ASP B 193 6.65 -17.37 2.25
N PRO B 194 7.70 -18.22 2.26
CA PRO B 194 7.88 -19.21 3.34
C PRO B 194 8.12 -18.56 4.70
N ALA B 195 8.54 -17.29 4.71
CA ALA B 195 8.67 -16.55 5.96
C ALA B 195 7.33 -16.31 6.67
N SER B 196 6.22 -16.51 5.96
CA SER B 196 4.90 -16.16 6.50
C SER B 196 4.27 -17.24 7.39
N LEU B 197 5.02 -18.30 7.66
CA LEU B 197 4.60 -19.36 8.57
C LEU B 197 4.12 -18.75 9.90
N HIS B 198 2.97 -19.23 10.37
CA HIS B 198 2.38 -18.65 11.58
C HIS B 198 1.42 -19.64 12.25
N GLY B 199 1.16 -19.38 13.52
CA GLY B 199 0.21 -20.18 14.29
C GLY B 199 -0.25 -19.38 15.49
N SER B 200 -1.14 -19.98 16.28
CA SER B 200 -1.69 -19.38 17.50
C SER B 200 -1.19 -20.15 18.69
N CYS B 201 -0.71 -19.43 19.70
CA CYS B 201 -0.29 -20.07 20.93
C CYS B 201 -1.50 -20.40 21.82
N PRO B 202 -1.52 -21.60 22.43
CA PRO B 202 -2.59 -21.90 23.39
C PRO B 202 -2.87 -20.71 24.32
N THR B 203 -4.15 -20.36 24.48
CA THR B 203 -4.56 -19.34 25.45
C THR B 203 -4.34 -19.93 26.85
N LEU B 204 -3.64 -19.20 27.70
CA LEU B 204 -3.32 -19.69 29.05
C LEU B 204 -4.22 -19.06 30.11
N LYS B 205 -4.50 -17.77 29.96
CA LYS B 205 -5.45 -17.07 30.82
C LYS B 205 -6.23 -16.04 30.00
N GLY B 206 -7.55 -16.21 29.97
CA GLY B 206 -8.44 -15.31 29.24
C GLY B 206 -9.32 -16.05 28.25
N ASP B 207 -9.99 -15.28 27.39
CA ASP B 207 -11.00 -15.82 26.50
C ASP B 207 -10.81 -15.21 25.13
N LYS B 208 -10.35 -16.03 24.20
CA LYS B 208 -9.91 -15.52 22.91
C LYS B 208 -10.96 -15.61 21.84
N TRP B 209 -11.36 -14.44 21.34
CA TRP B 209 -12.19 -14.30 20.15
C TRP B 209 -11.44 -13.52 19.09
N SER B 210 -11.53 -13.97 17.84
CA SER B 210 -10.95 -13.23 16.72
C SER B 210 -11.80 -13.34 15.48
N ALA B 211 -11.49 -12.48 14.50
CA ALA B 211 -12.16 -12.49 13.21
C ALA B 211 -11.05 -12.48 12.18
N THR B 212 -11.23 -13.23 11.11
CA THR B 212 -10.23 -13.27 10.05
C THR B 212 -10.82 -12.83 8.72
N LYS B 213 -10.14 -11.89 8.07
CA LYS B 213 -10.45 -11.53 6.69
C LYS B 213 -9.33 -12.03 5.77
N TRP B 214 -9.64 -13.00 4.91
CA TRP B 214 -8.69 -13.49 3.90
C TRP B 214 -8.92 -12.72 2.60
N ILE B 215 -7.83 -12.27 1.99
CA ILE B 215 -7.90 -11.43 0.79
C ILE B 215 -7.05 -12.07 -0.30
N HIS B 216 -7.65 -12.25 -1.49
CA HIS B 216 -6.99 -12.90 -2.63
C HIS B 216 -6.39 -11.90 -3.66
N VAL B 217 -5.65 -12.43 -4.62
CA VAL B 217 -5.00 -11.57 -5.62
C VAL B 217 -5.96 -11.13 -6.71
N ALA B 218 -7.12 -11.80 -6.76
CA ALA B 218 -8.06 -11.65 -7.86
C ALA B 218 -9.50 -11.79 -7.36
N PRO B 219 -10.48 -11.32 -8.17
CA PRO B 219 -11.87 -11.44 -7.75
C PRO B 219 -12.30 -12.89 -7.57
N ILE B 220 -12.97 -13.16 -6.47
CA ILE B 220 -13.55 -14.49 -6.22
C ILE B 220 -14.71 -14.72 -7.20
N GLY B 221 -14.69 -15.85 -7.90
CA GLY B 221 -15.65 -16.17 -8.94
C GLY B 221 -15.18 -15.83 -10.35
N GLY B 222 -14.00 -15.21 -10.45
CA GLY B 222 -13.54 -14.57 -11.69
C GLY B 222 -13.48 -15.43 -12.94
#